data_6Y2T
#
_entry.id   6Y2T
#
_cell.length_a   57.714
_cell.length_b   57.714
_cell.length_c   184.135
_cell.angle_alpha   90.000
_cell.angle_beta   90.000
_cell.angle_gamma   90.000
#
_symmetry.space_group_name_H-M   'I 41 2 2'
#
loop_
_entity.id
_entity.type
_entity.pdbx_description
1 polymer Streptavidin
2 non-polymer 'biotC4-1 cofactor'
3 non-polymer GLYCEROL
4 water water
#
_entity_poly.entity_id   1
_entity_poly.type   'polypeptide(L)'
_entity_poly.pdbx_seq_one_letter_code
;MASMTGGQQMGRDQAGITGTWYNQLGSTFIVTAGADGALTGTYESAVGNAESRYVLTGRYDSAPATDGSGTALGWTVAWK
NNYRNAHSATTWSGQYVGGAEARINTQWLLTSGTTEANAWKSTLVGHDTFTKVKPSAASIDAAKKAGVNNGNPLDAVQQ
;
_entity_poly.pdbx_strand_id   AAA
#
loop_
_chem_comp.id
_chem_comp.type
_chem_comp.name
_chem_comp.formula
GOL non-polymer GLYCEROL 'C3 H8 O3'
O6T non-polymer 'biotC4-1 cofactor' 'C29 H37 Fe N7 O6 S'
#
# COMPACT_ATOMS: atom_id res chain seq x y z
N ASP A 13 2.72 -12.20 12.17
CA ASP A 13 1.51 -11.67 11.45
C ASP A 13 1.57 -11.96 9.97
N GLN A 14 2.42 -12.90 9.53
CA GLN A 14 2.43 -13.35 8.12
C GLN A 14 1.00 -13.74 7.69
N ALA A 15 0.30 -14.60 8.44
CA ALA A 15 -1.05 -15.07 8.07
C ALA A 15 -2.07 -13.92 8.15
N GLY A 16 -1.92 -13.05 9.17
CA GLY A 16 -2.81 -11.91 9.43
C GLY A 16 -2.78 -10.92 8.25
N ILE A 17 -1.58 -10.69 7.69
CA ILE A 17 -1.42 -9.67 6.61
C ILE A 17 -1.78 -10.26 5.26
N THR A 18 -1.37 -11.48 4.98
CA THR A 18 -1.56 -12.11 3.66
C THR A 18 -3.04 -12.18 3.32
N GLY A 19 -3.41 -11.70 2.15
CA GLY A 19 -4.78 -11.77 1.65
C GLY A 19 -5.22 -10.56 0.88
N THR A 20 -6.52 -10.43 0.78
CA THR A 20 -7.16 -9.36 0.01
C THR A 20 -7.69 -8.32 1.01
N TRP A 21 -7.36 -7.05 0.77
CA TRP A 21 -7.79 -5.92 1.58
C TRP A 21 -8.47 -4.90 0.70
N TYR A 22 -9.37 -4.11 1.29
CA TYR A 22 -10.14 -3.09 0.59
C TYR A 22 -10.06 -1.79 1.37
N ASN A 23 -9.91 -0.67 0.67
CA ASN A 23 -9.87 0.62 1.41
C ASN A 23 -11.20 1.35 1.25
N GLN A 24 -11.28 2.56 1.79
CA GLN A 24 -12.53 3.35 1.88
C GLN A 24 -12.96 3.83 0.51
N LEU A 25 -12.07 3.84 -0.47
CA LEU A 25 -12.34 4.25 -1.86
C LEU A 25 -12.86 3.07 -2.69
N GLY A 26 -12.76 1.87 -2.15
CA GLY A 26 -13.09 0.64 -2.88
C GLY A 26 -11.92 0.10 -3.67
N SER A 27 -10.68 0.58 -3.41
CA SER A 27 -9.49 -0.06 -3.98
C SER A 27 -9.22 -1.43 -3.37
N THR A 28 -8.57 -2.29 -4.14
CA THR A 28 -8.24 -3.69 -3.77
C THR A 28 -6.74 -3.87 -3.68
N PHE A 29 -6.29 -4.27 -2.50
CA PHE A 29 -4.87 -4.51 -2.15
C PHE A 29 -4.72 -6.01 -1.93
N ILE A 30 -4.00 -6.68 -2.81
CA ILE A 30 -3.79 -8.14 -2.70
C ILE A 30 -2.34 -8.37 -2.34
N VAL A 31 -2.08 -8.95 -1.17
CA VAL A 31 -0.69 -9.02 -0.69
C VAL A 31 -0.36 -10.39 -0.14
N THR A 32 0.88 -10.78 -0.30
CA THR A 32 1.49 -11.91 0.39
C THR A 32 2.63 -11.41 1.25
N ALA A 33 2.60 -11.75 2.54
CA ALA A 33 3.67 -11.47 3.51
C ALA A 33 4.58 -12.68 3.57
N GLY A 34 5.85 -12.52 3.30
CA GLY A 34 6.89 -13.56 3.35
C GLY A 34 7.49 -13.69 4.74
N ALA A 35 8.04 -14.86 5.05
CA ALA A 35 8.62 -15.09 6.41
C ALA A 35 9.78 -14.12 6.69
N ASP A 36 10.37 -13.59 5.62
CA ASP A 36 11.62 -12.76 5.62
C ASP A 36 11.25 -11.27 5.75
N GLY A 37 9.97 -10.91 5.80
CA GLY A 37 9.58 -9.48 5.87
C GLY A 37 9.15 -8.92 4.53
N ALA A 38 9.12 -9.70 3.47
CA ALA A 38 8.69 -9.18 2.15
C ALA A 38 7.18 -9.00 2.07
N LEU A 39 6.76 -8.00 1.31
CA LEU A 39 5.37 -7.86 0.84
C LEU A 39 5.42 -7.86 -0.68
N THR A 40 4.59 -8.69 -1.30
N THR A 40 4.57 -8.68 -1.27
N THR A 40 4.61 -8.70 -1.33
CA THR A 40 4.45 -8.78 -2.79
CA THR A 40 4.42 -8.80 -2.74
CA THR A 40 4.46 -8.70 -2.80
C THR A 40 2.98 -8.97 -3.16
C THR A 40 2.93 -8.76 -3.04
C THR A 40 3.00 -8.96 -3.17
N GLY A 41 2.55 -8.29 -4.23
CA GLY A 41 1.18 -8.46 -4.70
C GLY A 41 0.82 -7.46 -5.74
N THR A 42 -0.46 -7.11 -5.71
CA THR A 42 -1.07 -6.24 -6.73
C THR A 42 -1.99 -5.25 -6.06
N TYR A 43 -2.16 -4.11 -6.71
CA TYR A 43 -3.04 -3.02 -6.26
C TYR A 43 -3.90 -2.66 -7.45
N GLU A 44 -5.17 -2.42 -7.16
CA GLU A 44 -6.16 -1.90 -8.14
C GLU A 44 -6.85 -0.69 -7.51
N SER A 45 -6.60 0.49 -8.05
CA SER A 45 -7.18 1.73 -7.54
C SER A 45 -8.56 1.94 -8.13
N ALA A 46 -9.53 2.22 -7.27
CA ALA A 46 -10.90 2.60 -7.68
C ALA A 46 -10.93 4.03 -8.26
N VAL A 47 -9.86 4.82 -8.05
CA VAL A 47 -9.84 6.25 -8.46
C VAL A 47 -8.55 6.59 -9.20
N GLY A 48 -8.58 7.73 -9.86
CA GLY A 48 -7.39 8.33 -10.45
C GLY A 48 -7.07 7.80 -11.82
N ASN A 49 -5.84 7.97 -12.23
CA ASN A 49 -5.49 7.65 -13.64
C ASN A 49 -5.02 6.21 -13.60
N ALA A 50 -5.97 5.24 -13.43
CA ALA A 50 -5.60 3.85 -13.13
C ALA A 50 -6.63 2.85 -13.63
N GLU A 51 -6.15 1.76 -14.18
CA GLU A 51 -7.06 0.64 -14.56
C GLU A 51 -6.34 -0.67 -14.33
N SER A 52 -7.09 -1.61 -13.80
CA SER A 52 -6.66 -2.99 -13.59
C SER A 52 -5.56 -3.02 -12.52
N ARG A 53 -4.79 -4.08 -12.49
CA ARG A 53 -3.81 -4.33 -11.39
C ARG A 53 -2.44 -3.75 -11.75
N TYR A 54 -1.75 -3.30 -10.71
CA TYR A 54 -0.37 -2.82 -10.75
C TYR A 54 0.45 -3.60 -9.71
N VAL A 55 1.70 -3.85 -10.04
CA VAL A 55 2.64 -4.58 -9.18
C VAL A 55 2.86 -3.74 -7.91
N LEU A 56 2.92 -4.38 -6.78
CA LEU A 56 3.44 -3.70 -5.57
C LEU A 56 4.49 -4.58 -4.90
N THR A 57 5.38 -3.90 -4.19
CA THR A 57 6.34 -4.57 -3.29
C THR A 57 6.51 -3.72 -2.04
N GLY A 58 6.89 -4.37 -0.96
CA GLY A 58 7.16 -3.63 0.26
C GLY A 58 7.74 -4.50 1.30
N ARG A 59 7.69 -4.01 2.52
CA ARG A 59 8.34 -4.67 3.69
C ARG A 59 7.45 -4.55 4.90
N TYR A 60 7.56 -5.49 5.84
CA TYR A 60 6.85 -5.36 7.13
C TYR A 60 7.79 -5.90 8.19
N ASP A 61 7.53 -5.51 9.42
CA ASP A 61 8.25 -5.98 10.64
C ASP A 61 7.81 -7.39 10.93
N SER A 62 8.65 -8.36 10.63
CA SER A 62 8.31 -9.80 10.79
C SER A 62 8.57 -10.29 12.22
N ALA A 63 8.94 -9.43 13.16
CA ALA A 63 9.09 -9.82 14.60
C ALA A 63 8.64 -8.63 15.45
N PRO A 64 7.33 -8.32 15.41
CA PRO A 64 6.79 -7.14 16.10
C PRO A 64 6.84 -7.27 17.62
N ALA A 65 6.59 -6.15 18.28
CA ALA A 65 6.56 -6.07 19.75
C ALA A 65 5.38 -6.91 20.24
N THR A 66 5.46 -7.43 21.47
CA THR A 66 4.41 -8.29 22.08
C THR A 66 3.70 -7.50 23.19
N ASP A 67 3.64 -6.17 23.07
CA ASP A 67 3.15 -5.22 24.11
C ASP A 67 1.83 -4.58 23.65
N GLY A 68 1.14 -5.20 22.69
CA GLY A 68 -0.14 -4.70 22.17
C GLY A 68 0.03 -3.74 20.98
N SER A 69 1.26 -3.42 20.58
CA SER A 69 1.49 -2.50 19.44
C SER A 69 1.11 -3.15 18.12
N GLY A 70 0.74 -2.32 17.13
CA GLY A 70 0.60 -2.76 15.74
C GLY A 70 1.93 -3.13 15.10
N THR A 71 1.84 -3.62 13.89
CA THR A 71 2.97 -4.14 13.06
C THR A 71 3.26 -3.14 11.94
N ALA A 72 4.45 -2.53 11.96
CA ALA A 72 4.81 -1.50 10.95
C ALA A 72 5.01 -2.16 9.59
N LEU A 73 4.54 -1.48 8.53
N LEU A 73 4.64 -1.44 8.55
CA LEU A 73 4.73 -1.97 7.15
CA LEU A 73 4.84 -1.92 7.16
C LEU A 73 4.63 -0.80 6.16
C LEU A 73 4.82 -0.73 6.20
N GLY A 74 5.09 -1.06 4.94
CA GLY A 74 4.92 -0.12 3.86
C GLY A 74 5.04 -0.79 2.56
N TRP A 75 4.51 -0.15 1.53
CA TRP A 75 4.65 -0.70 0.16
C TRP A 75 4.53 0.43 -0.86
N THR A 76 5.02 0.11 -2.05
CA THR A 76 5.04 1.01 -3.21
C THR A 76 4.29 0.43 -4.39
N VAL A 77 3.56 1.31 -5.08
CA VAL A 77 3.07 1.05 -6.47
C VAL A 77 3.61 2.13 -7.39
N ALA A 78 4.23 1.75 -8.51
CA ALA A 78 4.46 2.66 -9.63
C ALA A 78 3.32 2.48 -10.62
N TRP A 79 2.70 3.56 -11.02
CA TRP A 79 1.40 3.53 -11.72
C TRP A 79 1.59 3.31 -13.23
N LYS A 80 2.35 2.29 -13.52
CA LYS A 80 2.61 1.79 -14.89
C LYS A 80 2.19 0.33 -14.93
N ASN A 81 1.37 -0.01 -15.92
CA ASN A 81 1.07 -1.43 -16.22
C ASN A 81 0.88 -1.50 -17.73
N ASN A 82 0.31 -2.62 -18.20
CA ASN A 82 0.18 -2.82 -19.67
C ASN A 82 -0.90 -1.92 -20.25
N TYR A 83 -1.71 -1.28 -19.44
CA TYR A 83 -2.86 -0.47 -19.90
C TYR A 83 -2.58 1.03 -19.88
N ARG A 84 -1.91 1.51 -18.82
CA ARG A 84 -1.80 2.96 -18.59
C ARG A 84 -0.46 3.24 -17.90
N ASN A 85 -0.01 4.46 -18.01
CA ASN A 85 1.18 4.94 -17.27
C ASN A 85 0.89 6.35 -16.81
N ALA A 86 0.71 6.55 -15.51
CA ALA A 86 0.40 7.86 -14.91
C ALA A 86 1.69 8.60 -14.52
N HIS A 87 2.87 8.01 -14.71
CA HIS A 87 4.20 8.62 -14.41
C HIS A 87 4.20 9.12 -12.97
N SER A 88 3.89 8.20 -12.07
CA SER A 88 3.73 8.54 -10.64
C SER A 88 3.93 7.28 -9.83
N ALA A 89 4.17 7.43 -8.54
CA ALA A 89 4.32 6.28 -7.65
C ALA A 89 3.68 6.67 -6.31
N THR A 90 2.99 5.75 -5.68
CA THR A 90 2.46 5.97 -4.32
C THR A 90 3.21 5.05 -3.37
N THR A 91 3.54 5.56 -2.19
CA THR A 91 4.02 4.73 -1.08
C THR A 91 3.02 4.84 0.05
N TRP A 92 2.64 3.70 0.62
CA TRP A 92 1.80 3.66 1.82
C TRP A 92 2.70 3.24 2.99
N SER A 93 2.59 3.96 4.09
CA SER A 93 3.35 3.72 5.33
C SER A 93 2.31 3.56 6.43
N GLY A 94 2.39 2.48 7.19
CA GLY A 94 1.33 2.27 8.18
C GLY A 94 1.62 1.13 9.12
N GLN A 95 0.53 0.69 9.73
CA GLN A 95 0.61 -0.45 10.66
C GLN A 95 -0.63 -1.31 10.52
N TYR A 96 -0.36 -2.58 10.65
CA TYR A 96 -1.38 -3.65 10.71
C TYR A 96 -1.81 -3.82 12.15
N VAL A 97 -3.11 -3.85 12.37
CA VAL A 97 -3.72 -4.05 13.71
C VAL A 97 -4.62 -5.28 13.62
N GLY A 98 -4.26 -6.33 14.34
CA GLY A 98 -4.98 -7.61 14.20
C GLY A 98 -6.28 -7.61 15.00
N GLY A 99 -7.03 -8.71 15.01
CA GLY A 99 -8.25 -8.85 15.83
C GLY A 99 -9.48 -8.98 14.97
N ALA A 100 -10.66 -8.98 15.59
CA ALA A 100 -11.95 -9.29 14.96
C ALA A 100 -12.16 -8.38 13.75
N GLU A 101 -11.80 -7.11 13.92
CA GLU A 101 -11.92 -6.04 12.90
C GLU A 101 -10.48 -5.66 12.51
N ALA A 102 -9.75 -6.60 11.89
CA ALA A 102 -8.35 -6.36 11.45
C ALA A 102 -8.32 -5.14 10.55
N ARG A 103 -7.25 -4.33 10.67
CA ARG A 103 -7.14 -3.11 9.84
C ARG A 103 -5.69 -2.91 9.47
N ILE A 104 -5.49 -2.30 8.32
CA ILE A 104 -4.16 -1.68 8.01
C ILE A 104 -4.41 -0.19 7.89
N ASN A 105 -3.84 0.58 8.77
CA ASN A 105 -4.02 2.04 8.88
C ASN A 105 -2.80 2.67 8.23
N THR A 106 -3.02 3.41 7.17
CA THR A 106 -1.90 4.01 6.43
C THR A 106 -2.01 5.51 6.21
N GLN A 107 -0.86 6.12 6.00
CA GLN A 107 -0.73 7.42 5.33
C GLN A 107 0.06 7.17 4.04
N TRP A 108 -0.17 7.97 3.03
CA TRP A 108 0.50 7.72 1.75
C TRP A 108 1.02 9.00 1.14
N LEU A 109 2.02 8.83 0.26
CA LEU A 109 2.63 9.93 -0.55
C LEU A 109 2.61 9.50 -2.00
N LEU A 110 1.99 10.32 -2.84
CA LEU A 110 1.90 10.05 -4.30
CA LEU A 110 1.88 10.06 -4.30
C LEU A 110 2.75 11.10 -5.01
N THR A 111 3.90 10.69 -5.55
CA THR A 111 4.79 11.61 -6.27
C THR A 111 4.62 11.40 -7.77
N SER A 112 4.43 12.48 -8.52
CA SER A 112 4.43 12.44 -9.99
C SER A 112 5.82 12.86 -10.47
N GLY A 113 6.28 12.34 -11.60
CA GLY A 113 7.42 12.96 -12.29
C GLY A 113 7.05 14.31 -12.83
N THR A 114 7.87 15.30 -12.56
CA THR A 114 7.57 16.69 -12.95
C THR A 114 8.79 17.34 -13.60
N THR A 115 8.53 18.47 -14.28
CA THR A 115 9.64 19.42 -14.55
C THR A 115 10.15 20.04 -13.25
N GLU A 116 11.34 20.66 -13.28
CA GLU A 116 11.84 21.39 -12.10
C GLU A 116 10.83 22.47 -11.70
N ALA A 117 10.26 23.19 -12.67
CA ALA A 117 9.34 24.32 -12.41
C ALA A 117 8.08 23.83 -11.68
N ASN A 118 7.69 22.56 -11.83
CA ASN A 118 6.45 22.04 -11.18
C ASN A 118 6.78 21.14 -9.96
N ALA A 119 8.01 21.01 -9.58
CA ALA A 119 8.41 20.03 -8.55
C ALA A 119 7.75 20.40 -7.21
N TRP A 120 7.48 21.69 -6.95
CA TRP A 120 6.83 22.10 -5.68
C TRP A 120 5.47 21.42 -5.53
N LYS A 121 4.81 21.07 -6.62
CA LYS A 121 3.47 20.42 -6.60
C LYS A 121 3.53 18.95 -7.04
N SER A 122 4.66 18.31 -6.86
CA SER A 122 4.85 16.91 -7.30
C SER A 122 4.11 15.88 -6.40
N THR A 123 3.80 16.19 -5.13
CA THR A 123 3.48 15.16 -4.15
C THR A 123 2.15 15.42 -3.44
N LEU A 124 1.23 14.49 -3.61
CA LEU A 124 -0.04 14.41 -2.85
C LEU A 124 0.19 13.57 -1.58
N VAL A 125 -0.58 13.89 -0.55
CA VAL A 125 -0.55 13.14 0.71
C VAL A 125 -2.00 12.83 1.09
N GLY A 126 -2.20 11.63 1.63
CA GLY A 126 -3.51 11.19 2.08
C GLY A 126 -3.39 10.02 3.03
N HIS A 127 -4.56 9.46 3.36
CA HIS A 127 -4.65 8.42 4.38
C HIS A 127 -5.70 7.42 3.91
N ASP A 128 -5.33 6.16 3.93
CA ASP A 128 -6.22 5.04 3.55
C ASP A 128 -6.29 4.07 4.73
N THR A 129 -7.50 3.55 4.98
CA THR A 129 -7.74 2.47 5.95
C THR A 129 -8.23 1.25 5.20
N PHE A 130 -7.52 0.16 5.38
CA PHE A 130 -7.82 -1.11 4.72
C PHE A 130 -8.46 -2.04 5.73
N THR A 131 -9.49 -2.74 5.25
CA THR A 131 -10.20 -3.80 6.01
C THR A 131 -10.29 -5.05 5.15
N LYS A 132 -10.62 -6.17 5.80
CA LYS A 132 -10.74 -7.48 5.11
C LYS A 132 -12.13 -7.63 4.46
N VAL A 133 -13.09 -6.74 4.71
CA VAL A 133 -14.44 -6.83 4.09
C VAL A 133 -14.72 -5.58 3.23
C13 O6T B . -3.53 11.95 -9.41
C15 O6T B . -2.19 13.83 -9.93
C20 O6T B . 1.87 13.97 -13.79
C21 O6T B . -0.21 14.70 -14.97
C24 O6T B . 2.13 19.06 -12.40
C11 O6T B . -3.27 9.72 -10.54
C12 O6T B . -2.86 11.16 -10.35
C14 O6T B . -3.24 13.28 -9.17
C18 O6T B . -0.31 13.47 -12.89
C23 O6T B . 1.34 17.84 -11.88
C25 O6T B . 2.14 17.28 -10.67
FE1 O6T B . -0.30 15.47 -11.05
O3 O6T B . -0.30 12.34 -13.31
O6 O6T B . -3.61 16.03 -9.07
N7 O6T B . -1.73 15.13 -9.92
N4 O6T B . -0.55 13.74 -11.58
N6 O6T B . -0.78 17.27 -10.90
N5 O6T B . 0.41 15.76 -12.79
O4 O6T B . 1.83 16.99 -14.05
O5 O6T B . -0.31 19.49 -11.18
C16 O6T B . -1.51 13.03 -10.89
C27 O6T B . -1.86 17.51 -9.95
C30 O6T B . -2.56 16.16 -9.70
C19 O6T B . 0.46 14.54 -13.58
C17 O6T B . -1.86 11.69 -11.11
C22 O6T B . 1.34 16.72 -12.96
C29 O6T B . -1.25 17.89 -8.59
C26 O6T B . -0.04 18.29 -11.36
C28 O6T B . -2.88 18.45 -10.65
N3 O6T B . -2.36 8.65 -10.38
C10 O6T B . -2.59 7.19 -10.31
C9 O6T B . -3.61 6.57 -9.35
C8 O6T B . -3.36 7.00 -7.88
C6 O6T B . -4.43 6.47 -6.93
C5 O6T B . -4.28 6.90 -5.43
C2 O6T B . -5.52 6.68 -4.59
N1 O6T B . -6.11 5.33 -4.72
C1 O6T B . -6.07 4.66 -3.57
O1 O6T B . -6.53 3.50 -3.41
N2 O6T B . -5.48 5.41 -2.60
C3 O6T B . -5.08 6.72 -3.06
C4 O6T B . -3.51 6.80 -3.05
S1 O6T B . -2.93 6.08 -4.58
O2 O6T B . -4.46 9.53 -10.57
C1 GOL C . -11.38 8.23 -17.46
O1 GOL C . -10.01 8.63 -17.43
C2 GOL C . -11.52 6.74 -17.20
O2 GOL C . -10.55 6.32 -16.24
C3 GOL C . -12.91 6.37 -16.72
O3 GOL C . -13.11 4.96 -16.76
H11 GOL C . -11.77 8.44 -18.34
H12 GOL C . -11.87 8.72 -16.75
HO1 GOL C . -9.98 9.46 -17.58
H2 GOL C . -11.34 6.26 -18.04
HO2 GOL C . -10.96 5.94 -15.60
H31 GOL C . -13.58 6.80 -17.30
H32 GOL C . -13.03 6.68 -15.79
HO3 GOL C . -12.41 4.59 -17.05
C13 O6T D . 12.62 17.91 -10.90
C15 O6T D . 13.29 18.97 -8.82
C20 O6T D . 18.11 21.38 -7.52
C21 O6T D . 16.80 23.41 -8.21
C24 O6T D . 14.12 23.66 -4.77
C11 O6T D . 13.81 18.24 -13.11
C12 O6T D . 13.64 18.52 -11.59
C14 O6T D . 12.46 18.12 -9.55
C18 O6T D . 16.15 21.16 -8.97
C23 O6T D . 14.99 22.48 -4.38
C25 O6T D . 15.69 22.96 -3.09
FE1 O6T D . 14.24 20.77 -7.03
O3 O6T D . 16.79 21.04 -10.00
O6 O6T D . 11.85 17.71 -6.57
N7 O6T D . 13.23 19.31 -7.46
N4 O6T D . 15.03 20.41 -8.66
N6 O6T D . 13.71 20.52 -5.22
N5 O6T D . 15.85 21.70 -6.60
O4 O6T D . 17.07 23.05 -5.22
O5 O6T D . 13.62 21.12 -2.98
C16 O6T D . 14.31 19.62 -9.52
C27 O6T D . 12.62 19.50 -5.10
C30 O6T D . 12.47 18.76 -6.45
C19 O6T D . 16.71 21.93 -7.78
C17 O6T D . 14.47 19.40 -10.90
C22 O6T D . 16.08 22.35 -5.44
C29 O6T D . 13.03 18.51 -3.97
C26 O6T D . 14.07 21.26 -4.15
C28 O6T D . 11.25 20.18 -4.91
N3 O6T D . 14.88 18.96 -13.83
C10 O6T D . 15.54 18.20 -14.96
C9 O6T D . 14.47 17.32 -15.64
C8 O6T D . 14.65 15.80 -15.62
C6 O6T D . 14.94 15.16 -16.97
C5 O6T D . 15.71 13.85 -16.81
C2 O6T D . 15.98 12.89 -17.96
N1 O6T D . 17.42 12.78 -17.98
C1 O6T D . 17.83 11.58 -17.57
O1 O6T D . 19.00 11.22 -17.46
N2 O6T D . 16.80 10.80 -17.30
C3 O6T D . 15.54 11.48 -17.51
C4 O6T D . 14.72 11.48 -16.22
S1 O6T D . 15.17 12.94 -15.37
O2 O6T D . 13.03 17.50 -13.73
C1 GOL E . -9.85 11.22 -12.34
O1 GOL E . -9.19 11.55 -11.12
C2 GOL E . -11.10 10.41 -12.09
O2 GOL E . -11.77 10.14 -13.33
C3 GOL E . -10.80 9.09 -11.40
O3 GOL E . -11.51 8.97 -10.17
H11 GOL E . -9.23 10.69 -12.91
H12 GOL E . -10.10 12.06 -12.81
HO1 GOL E . -8.49 12.01 -11.30
H2 GOL E . -11.75 10.90 -11.54
HO2 GOL E . -11.86 9.30 -13.40
H31 GOL E . -9.83 9.04 -11.22
H32 GOL E . -11.07 8.35 -11.99
HO3 GOL E . -11.96 9.67 -10.05
#